data_6UWF
#
_entry.id   6UWF
#
_cell.length_a   1.00
_cell.length_b   1.00
_cell.length_c   1.00
_cell.angle_alpha   90.00
_cell.angle_beta   90.00
_cell.angle_gamma   90.00
#
_symmetry.space_group_name_H-M   'P 1'
#
loop_
_entity.id
_entity.type
_entity.pdbx_description
1 polymer 'Glutamate transporter homolog'
2 non-polymer 'ASPARTIC ACID'
3 non-polymer '[(2~{R})-1-[2-azanylethoxy(oxidanyl)phosphoryl]oxy-3-hexadecanoyloxy-propan-2-yl] (~{Z})-octadec-9-enoate'
#
_entity_poly.entity_id   1
_entity_poly.type   'polypeptide(L)'
_entity_poly.pdbx_seq_one_letter_code
;(FME)GLYRKYIEYPVLQKILIGLILGAIVGLILGHYGYAHAVHTYVKPFGDLFVRLLKMLVMPIVFASLVVGAASISPA
RLGRVGVKIVVYYLLTSAFAVTLGIIMARLFNPGAGIHLAVGGQQFQPHQAPPLVHILLDIVPTNPFGALANGQVLPTIF
FAIILGIAITYLMNSENEKVRKSAETLLDAINGLAEAMYKIVNGVMQYAPIGVFALIAYVMAEQGVHVVGELAKVTAAVY
VGLTLQILLVYFVLLKIYGIDPISFIKHAKDAMLTAFVTRSSSGTLPVTMRVAKEMGISEGIYSFTLPLGATINMDGTAL
YQGVCTFFIANALGSHLTVGQQLTIVLTAVLASIGTAGVPGAGAIMLAMVLHSVGLPLTDPNVAAAYAMILGIDAILDMG
RTMVNVTGDLTGTAIVAKTEGTLVPR
;
_entity_poly.pdbx_strand_id   A
#
loop_
_chem_comp.id
_chem_comp.type
_chem_comp.name
_chem_comp.formula
6OU non-polymer '[(2~{R})-1-[2-azanylethoxy(oxidanyl)phosphoryl]oxy-3-hexadecanoyloxy-propan-2-yl] (~{Z})-octadec-9-enoate' 'C39 H76 N O8 P'
#
# COMPACT_ATOMS: atom_id res chain seq x y z
N FME A 1 -35.48 -3.19 6.72
CN FME A 1 -36.53 -2.66 6.02
O1 FME A 1 -36.40 -1.76 5.16
CA FME A 1 -35.64 -4.24 7.70
CB FME A 1 -34.74 -5.46 7.43
CG FME A 1 -34.52 -5.66 5.95
SD FME A 1 -34.26 -7.39 5.68
CE FME A 1 -35.13 -7.65 4.17
C FME A 1 -35.34 -3.77 9.12
O FME A 1 -34.65 -4.41 9.92
N GLY A 2 -35.87 -2.60 9.46
CA GLY A 2 -35.75 -2.06 10.80
C GLY A 2 -34.71 -0.95 10.93
N LEU A 3 -33.89 -1.06 11.99
CA LEU A 3 -32.82 -0.08 12.21
C LEU A 3 -31.69 -0.26 11.21
N TYR A 4 -31.57 -1.47 10.64
CA TYR A 4 -30.55 -1.76 9.63
C TYR A 4 -30.74 -0.92 8.38
N ARG A 5 -31.99 -0.73 7.94
CA ARG A 5 -32.24 0.12 6.80
C ARG A 5 -32.01 1.59 7.11
N LYS A 6 -32.17 1.98 8.38
CA LYS A 6 -31.84 3.35 8.76
C LYS A 6 -30.33 3.56 8.80
N TYR A 7 -29.58 2.51 9.12
CA TYR A 7 -28.12 2.59 9.13
C TYR A 7 -27.54 2.56 7.72
N ILE A 8 -28.20 1.85 6.79
CA ILE A 8 -27.68 1.72 5.43
C ILE A 8 -27.78 3.06 4.68
N GLU A 9 -28.89 3.79 4.86
CA GLU A 9 -29.11 5.03 4.12
C GLU A 9 -28.20 6.18 4.58
N TYR A 10 -27.47 6.02 5.66
CA TYR A 10 -26.47 7.03 6.04
C TYR A 10 -25.32 7.00 5.05
N PRO A 11 -24.73 8.16 4.73
CA PRO A 11 -23.61 8.19 3.78
C PRO A 11 -22.39 7.48 4.34
N VAL A 12 -21.64 6.84 3.43
CA VAL A 12 -20.60 5.90 3.83
C VAL A 12 -19.40 6.62 4.45
N LEU A 13 -19.06 7.80 3.92
CA LEU A 13 -17.90 8.54 4.42
C LEU A 13 -18.15 9.04 5.84
N GLN A 14 -19.38 9.44 6.14
CA GLN A 14 -19.70 9.97 7.46
C GLN A 14 -19.60 8.89 8.54
N LYS A 15 -20.13 7.70 8.29
CA LYS A 15 -20.02 6.66 9.29
C LYS A 15 -18.64 6.01 9.30
N ILE A 16 -17.89 6.07 8.19
CA ILE A 16 -16.49 5.64 8.23
C ILE A 16 -15.67 6.56 9.12
N LEU A 17 -15.89 7.88 9.00
CA LEU A 17 -15.19 8.83 9.86
C LEU A 17 -15.65 8.74 11.31
N ILE A 18 -16.93 8.44 11.53
CA ILE A 18 -17.44 8.23 12.89
C ILE A 18 -16.79 7.00 13.51
N GLY A 19 -16.67 5.92 12.75
CA GLY A 19 -15.96 4.74 13.23
C GLY A 19 -14.49 4.99 13.47
N LEU A 20 -13.86 5.84 12.63
CA LEU A 20 -12.45 6.19 12.81
C LEU A 20 -12.22 6.94 14.12
N ILE A 21 -13.02 7.97 14.37
CA ILE A 21 -12.83 8.78 15.58
C ILE A 21 -13.23 8.00 16.83
N LEU A 22 -14.36 7.30 16.78
CA LEU A 22 -14.80 6.49 17.92
C LEU A 22 -14.01 5.19 18.05
N GLY A 23 -13.11 4.88 17.13
CA GLY A 23 -12.16 3.82 17.34
C GLY A 23 -10.90 4.36 17.98
N ALA A 24 -10.46 5.54 17.53
CA ALA A 24 -9.23 6.12 18.08
C ALA A 24 -9.39 6.50 19.54
N ILE A 25 -10.52 7.11 19.90
CA ILE A 25 -10.73 7.56 21.29
C ILE A 25 -10.90 6.36 22.22
N VAL A 26 -11.72 5.40 21.81
CA VAL A 26 -11.98 4.21 22.62
C VAL A 26 -10.72 3.37 22.75
N GLY A 27 -9.93 3.28 21.68
CA GLY A 27 -8.69 2.53 21.74
C GLY A 27 -7.66 3.17 22.65
N LEU A 28 -7.54 4.50 22.60
CA LEU A 28 -6.61 5.19 23.50
C LEU A 28 -7.03 5.05 24.96
N ILE A 29 -8.33 5.17 25.23
CA ILE A 29 -8.84 5.05 26.60
C ILE A 29 -8.64 3.64 27.14
N LEU A 30 -8.99 2.63 26.34
CA LEU A 30 -8.86 1.25 26.80
C LEU A 30 -7.41 0.78 26.82
N GLY A 31 -6.53 1.39 26.02
CA GLY A 31 -5.13 1.04 26.08
C GLY A 31 -4.40 1.69 27.24
N HIS A 32 -4.87 2.86 27.67
CA HIS A 32 -4.24 3.47 28.84
C HIS A 32 -4.59 2.74 30.13
N TYR A 33 -5.75 2.07 30.18
CA TYR A 33 -6.18 1.36 31.38
C TYR A 33 -5.77 -0.09 31.39
N GLY A 34 -4.89 -0.51 30.48
CA GLY A 34 -4.41 -1.88 30.47
C GLY A 34 -5.37 -2.90 29.90
N TYR A 35 -6.38 -2.46 29.14
CA TYR A 35 -7.35 -3.36 28.55
C TYR A 35 -7.05 -3.67 27.09
N ALA A 36 -5.76 -3.76 26.74
CA ALA A 36 -5.40 -4.08 25.36
C ALA A 36 -5.70 -5.53 25.03
N HIS A 37 -5.62 -6.43 26.01
CA HIS A 37 -5.91 -7.84 25.76
C HIS A 37 -7.40 -8.07 25.53
N ALA A 38 -8.25 -7.32 26.23
CA ALA A 38 -9.69 -7.46 26.02
C ALA A 38 -10.10 -6.94 24.65
N VAL A 39 -9.46 -5.87 24.18
CA VAL A 39 -9.69 -5.37 22.83
C VAL A 39 -9.21 -6.37 21.80
N HIS A 40 -8.00 -6.93 22.00
CA HIS A 40 -7.45 -7.93 21.08
C HIS A 40 -8.29 -9.20 21.05
N THR A 41 -8.98 -9.52 22.14
CA THR A 41 -9.80 -10.71 22.16
C THR A 41 -11.16 -10.46 21.51
N TYR A 42 -11.83 -9.36 21.87
CA TYR A 42 -13.23 -9.18 21.48
C TYR A 42 -13.42 -8.24 20.31
N VAL A 43 -12.74 -7.09 20.28
CA VAL A 43 -13.04 -6.08 19.28
C VAL A 43 -12.36 -6.41 17.96
N LYS A 44 -11.12 -6.91 18.02
CA LYS A 44 -10.31 -7.12 16.81
C LYS A 44 -10.87 -8.10 15.77
N PRO A 45 -11.57 -9.21 16.09
CA PRO A 45 -12.16 -10.02 15.02
C PRO A 45 -13.19 -9.31 14.15
N PHE A 46 -13.83 -8.26 14.66
CA PHE A 46 -14.75 -7.48 13.84
C PHE A 46 -14.03 -6.67 12.77
N GLY A 47 -12.73 -6.44 12.91
CA GLY A 47 -11.95 -5.81 11.87
C GLY A 47 -11.20 -6.83 11.05
N ASP A 48 -10.90 -7.97 11.66
CA ASP A 48 -10.34 -9.10 10.94
C ASP A 48 -11.32 -9.62 9.88
N LEU A 49 -12.62 -9.59 10.19
CA LEU A 49 -13.64 -9.93 9.21
C LEU A 49 -13.64 -8.95 8.03
N PHE A 50 -13.38 -7.67 8.30
CA PHE A 50 -13.33 -6.67 7.24
C PHE A 50 -12.12 -6.88 6.34
N VAL A 51 -10.97 -7.19 6.93
CA VAL A 51 -9.78 -7.48 6.12
C VAL A 51 -9.95 -8.77 5.34
N ARG A 52 -10.66 -9.77 5.91
CA ARG A 52 -10.95 -11.00 5.20
C ARG A 52 -11.87 -10.75 4.01
N LEU A 53 -12.91 -9.93 4.21
CA LEU A 53 -13.83 -9.60 3.12
C LEU A 53 -13.16 -8.76 2.05
N LEU A 54 -12.15 -7.98 2.41
CA LEU A 54 -11.43 -7.22 1.40
C LEU A 54 -10.44 -8.10 0.62
N LYS A 55 -9.76 -9.01 1.31
CA LYS A 55 -8.83 -9.92 0.63
C LYS A 55 -9.54 -11.00 -0.16
N MET A 56 -10.82 -11.22 0.09
CA MET A 56 -11.58 -12.18 -0.70
C MET A 56 -11.73 -11.73 -2.14
N LEU A 57 -11.82 -10.43 -2.38
CA LEU A 57 -12.15 -9.91 -3.70
C LEU A 57 -10.93 -9.67 -4.58
N VAL A 58 -9.71 -9.85 -4.07
CA VAL A 58 -8.53 -9.27 -4.72
C VAL A 58 -8.21 -9.98 -6.02
N MET A 59 -8.16 -11.30 -6.00
CA MET A 59 -7.82 -12.05 -7.21
C MET A 59 -8.87 -11.99 -8.33
N PRO A 60 -10.18 -12.15 -8.09
CA PRO A 60 -11.11 -11.95 -9.21
C PRO A 60 -11.30 -10.51 -9.64
N ILE A 61 -10.81 -9.53 -8.87
CA ILE A 61 -10.87 -8.14 -9.32
C ILE A 61 -9.57 -7.70 -9.98
N VAL A 62 -8.48 -8.45 -9.82
CA VAL A 62 -7.28 -8.21 -10.60
C VAL A 62 -7.34 -8.93 -11.93
N PHE A 63 -7.61 -10.23 -11.90
CA PHE A 63 -7.54 -11.05 -13.12
C PHE A 63 -8.65 -10.69 -14.10
N ALA A 64 -9.89 -10.64 -13.62
CA ALA A 64 -11.00 -10.40 -14.53
C ALA A 64 -11.09 -8.96 -14.98
N SER A 65 -10.53 -8.02 -14.22
CA SER A 65 -10.50 -6.64 -14.70
C SER A 65 -9.31 -6.36 -15.60
N LEU A 66 -8.23 -7.13 -15.49
CA LEU A 66 -7.10 -6.92 -16.38
C LEU A 66 -7.22 -7.69 -17.68
N VAL A 67 -7.97 -8.79 -17.72
CA VAL A 67 -8.27 -9.43 -18.99
C VAL A 67 -9.15 -8.53 -19.85
N VAL A 68 -10.18 -7.93 -19.25
CA VAL A 68 -10.99 -6.93 -19.95
C VAL A 68 -10.19 -5.66 -20.18
N GLY A 69 -9.25 -5.35 -19.28
CA GLY A 69 -8.38 -4.20 -19.40
C GLY A 69 -7.36 -4.26 -20.52
N ALA A 70 -7.29 -5.35 -21.27
CA ALA A 70 -6.61 -5.35 -22.56
C ALA A 70 -7.61 -5.06 -23.68
N ALA A 71 -8.32 -3.94 -23.50
CA ALA A 71 -9.18 -3.35 -24.51
C ALA A 71 -8.49 -2.26 -25.30
N SER A 72 -7.42 -1.69 -24.75
CA SER A 72 -6.57 -0.78 -25.51
C SER A 72 -5.71 -1.59 -26.48
N ILE A 73 -5.04 -0.86 -27.39
CA ILE A 73 -4.20 -1.51 -28.40
C ILE A 73 -3.01 -2.16 -27.71
N SER A 74 -2.60 -3.33 -28.21
CA SER A 74 -1.72 -4.19 -27.41
C SER A 74 -0.28 -3.69 -27.31
N PRO A 75 0.46 -3.40 -28.42
CA PRO A 75 1.83 -2.90 -28.20
C PRO A 75 1.88 -1.48 -27.67
N ALA A 76 1.20 -0.58 -28.37
CA ALA A 76 1.47 0.85 -28.27
C ALA A 76 1.01 1.42 -26.94
N ARG A 77 -0.29 1.35 -26.65
CA ARG A 77 -0.82 2.03 -25.49
C ARG A 77 -0.42 1.34 -24.20
N LEU A 78 -0.37 0.01 -24.19
CA LEU A 78 0.02 -0.70 -22.98
C LEU A 78 1.51 -0.54 -22.69
N GLY A 79 2.35 -0.56 -23.73
CA GLY A 79 3.77 -0.30 -23.50
C GLY A 79 4.02 1.14 -23.08
N ARG A 80 3.26 2.08 -23.63
CA ARG A 80 3.41 3.48 -23.26
C ARG A 80 2.99 3.72 -21.81
N VAL A 81 1.87 3.15 -21.38
CA VAL A 81 1.47 3.35 -19.99
C VAL A 81 2.33 2.53 -19.03
N GLY A 82 2.93 1.42 -19.48
CA GLY A 82 3.88 0.71 -18.64
C GLY A 82 5.14 1.50 -18.38
N VAL A 83 5.71 2.11 -19.43
CA VAL A 83 6.89 2.94 -19.27
C VAL A 83 6.55 4.21 -18.47
N LYS A 84 5.40 4.83 -18.79
CA LYS A 84 4.98 6.05 -18.11
C LYS A 84 4.63 5.82 -16.65
N ILE A 85 4.26 4.60 -16.27
CA ILE A 85 3.99 4.36 -14.87
C ILE A 85 5.23 3.86 -14.13
N VAL A 86 6.19 3.22 -14.83
CA VAL A 86 7.40 2.77 -14.16
C VAL A 86 8.31 3.95 -13.87
N VAL A 87 8.36 4.95 -14.77
CA VAL A 87 9.15 6.15 -14.52
C VAL A 87 8.56 6.95 -13.36
N TYR A 88 7.23 7.04 -13.28
CA TYR A 88 6.58 7.69 -12.15
C TYR A 88 6.85 6.95 -10.85
N TYR A 89 6.79 5.62 -10.89
CA TYR A 89 6.95 4.80 -9.68
C TYR A 89 8.37 4.87 -9.14
N LEU A 90 9.35 5.00 -10.02
CA LEU A 90 10.71 5.19 -9.53
C LEU A 90 10.96 6.61 -9.03
N LEU A 91 10.45 7.62 -9.75
CA LEU A 91 10.79 9.00 -9.40
C LEU A 91 10.09 9.44 -8.11
N THR A 92 8.86 9.00 -7.88
CA THR A 92 8.17 9.41 -6.66
C THR A 92 8.76 8.73 -5.43
N SER A 93 9.23 7.48 -5.57
CA SER A 93 9.90 6.82 -4.44
C SER A 93 11.26 7.43 -4.17
N ALA A 94 11.99 7.80 -5.23
CA ALA A 94 13.29 8.45 -5.05
C ALA A 94 13.13 9.83 -4.44
N PHE A 95 12.01 10.51 -4.68
CA PHE A 95 11.77 11.75 -3.96
C PHE A 95 11.26 11.50 -2.54
N ALA A 96 10.56 10.38 -2.32
CA ALA A 96 10.02 10.09 -0.99
C ALA A 96 11.12 9.77 0.01
N VAL A 97 12.14 9.03 -0.42
CA VAL A 97 13.27 8.76 0.46
C VAL A 97 14.01 10.05 0.79
N THR A 98 14.16 10.93 -0.20
CA THR A 98 14.85 12.20 0.02
C THR A 98 14.06 13.11 0.95
N LEU A 99 12.74 13.11 0.84
CA LEU A 99 11.91 13.86 1.78
C LEU A 99 11.97 13.25 3.18
N GLY A 100 12.13 11.93 3.27
CA GLY A 100 12.35 11.31 4.57
C GLY A 100 13.67 11.70 5.19
N ILE A 101 14.72 11.83 4.38
CA ILE A 101 16.02 12.28 4.86
C ILE A 101 15.95 13.74 5.31
N ILE A 102 15.22 14.57 4.57
CA ILE A 102 15.03 15.97 4.94
C ILE A 102 14.25 16.10 6.25
N MET A 103 13.20 15.30 6.41
CA MET A 103 12.42 15.35 7.65
C MET A 103 13.13 14.70 8.82
N ALA A 104 14.07 13.80 8.56
CA ALA A 104 14.88 13.22 9.63
C ALA A 104 16.11 14.05 9.95
N ARG A 105 16.42 15.04 9.11
CA ARG A 105 17.41 16.05 9.45
C ARG A 105 16.78 17.27 10.11
N LEU A 106 15.51 17.56 9.80
CA LEU A 106 14.80 18.65 10.46
C LEU A 106 14.51 18.29 11.91
N PHE A 107 13.78 17.20 12.12
CA PHE A 107 13.71 16.58 13.43
C PHE A 107 15.03 15.86 13.72
N ASN A 108 15.18 15.40 14.94
CA ASN A 108 16.36 14.62 15.34
C ASN A 108 15.87 13.40 16.10
N PRO A 109 15.42 12.37 15.39
CA PRO A 109 14.93 11.17 16.09
C PRO A 109 16.10 10.37 16.66
N GLY A 110 15.98 9.98 17.92
CA GLY A 110 17.08 9.35 18.60
C GLY A 110 18.16 10.35 18.94
N ALA A 111 17.77 11.49 19.52
CA ALA A 111 18.68 12.59 19.80
C ALA A 111 19.52 12.24 21.03
N GLY A 112 20.49 11.36 20.83
CA GLY A 112 21.39 10.98 21.89
C GLY A 112 20.78 10.11 22.97
N ILE A 113 19.98 9.12 22.59
CA ILE A 113 19.43 8.19 23.57
C ILE A 113 20.38 7.02 23.76
N HIS A 114 20.33 6.44 24.95
CA HIS A 114 21.07 5.22 25.27
C HIS A 114 20.10 4.24 25.88
N LEU A 115 20.23 2.98 25.48
CA LEU A 115 19.20 2.00 25.78
C LEU A 115 19.84 0.64 26.01
N ALA A 116 19.15 -0.19 26.78
CA ALA A 116 19.69 -1.49 27.18
C ALA A 116 19.68 -2.45 26.00
N VAL A 117 20.40 -3.56 26.17
CA VAL A 117 20.56 -4.56 25.13
C VAL A 117 20.09 -5.90 25.69
N GLY A 118 18.80 -6.18 25.51
CA GLY A 118 18.25 -7.45 25.93
C GLY A 118 17.33 -8.07 24.90
N GLY A 119 17.05 -7.33 23.83
CA GLY A 119 16.18 -7.83 22.79
C GLY A 119 16.88 -8.85 21.93
N GLN A 120 16.08 -9.61 21.20
CA GLN A 120 16.61 -10.68 20.36
C GLN A 120 17.27 -10.10 19.12
N GLN A 121 18.39 -10.71 18.72
CA GLN A 121 19.12 -10.30 17.52
C GLN A 121 18.45 -11.02 16.37
N PHE A 122 17.59 -10.31 15.64
CA PHE A 122 16.49 -10.90 14.89
C PHE A 122 16.93 -11.83 13.75
N GLN A 123 17.46 -11.26 12.66
CA GLN A 123 17.82 -12.01 11.47
C GLN A 123 18.81 -11.21 10.63
N PRO A 124 19.96 -11.79 10.27
CA PRO A 124 20.78 -11.19 9.20
C PRO A 124 20.06 -11.34 7.87
N HIS A 125 19.89 -10.23 7.16
CA HIS A 125 19.06 -10.21 5.97
C HIS A 125 19.85 -10.69 4.76
N GLN A 126 19.25 -11.60 3.99
CA GLN A 126 19.81 -12.07 2.73
C GLN A 126 18.73 -12.03 1.67
N ALA A 127 19.04 -11.43 0.53
CA ALA A 127 18.06 -11.28 -0.54
C ALA A 127 18.06 -12.49 -1.44
N PRO A 128 16.90 -12.82 -2.02
CA PRO A 128 16.88 -13.83 -3.09
C PRO A 128 17.63 -13.33 -4.30
N PRO A 129 18.21 -14.25 -5.11
CA PRO A 129 19.27 -13.85 -6.05
C PRO A 129 18.86 -13.03 -7.27
N LEU A 130 17.59 -12.57 -7.31
CA LEU A 130 17.05 -11.55 -8.22
C LEU A 130 16.90 -12.05 -9.66
N VAL A 131 17.39 -13.25 -9.97
CA VAL A 131 16.98 -13.89 -11.20
C VAL A 131 15.79 -14.80 -10.94
N HIS A 132 15.64 -15.29 -9.70
CA HIS A 132 14.43 -16.02 -9.32
C HIS A 132 13.28 -15.07 -9.11
N ILE A 133 13.56 -13.87 -8.60
CA ILE A 133 12.54 -12.84 -8.39
C ILE A 133 11.95 -12.41 -9.74
N LEU A 134 12.80 -12.25 -10.75
CA LEU A 134 12.32 -11.86 -12.07
C LEU A 134 11.68 -13.04 -12.79
N LEU A 135 12.26 -14.24 -12.67
CA LEU A 135 11.73 -15.40 -13.37
C LEU A 135 10.44 -15.93 -12.75
N ASP A 136 10.13 -15.54 -11.52
CA ASP A 136 8.86 -15.93 -10.91
C ASP A 136 7.70 -15.06 -11.33
N ILE A 137 7.94 -14.01 -12.12
CA ILE A 137 6.85 -13.23 -12.69
C ILE A 137 6.09 -14.04 -13.73
N VAL A 138 6.82 -14.79 -14.55
CA VAL A 138 6.18 -15.73 -15.49
C VAL A 138 5.75 -16.95 -14.71
N PRO A 139 4.45 -17.24 -14.59
CA PRO A 139 4.01 -18.38 -13.79
C PRO A 139 4.15 -19.69 -14.55
N THR A 140 4.51 -20.74 -13.83
CA THR A 140 4.53 -22.07 -14.42
C THR A 140 3.15 -22.69 -14.46
N ASN A 141 2.19 -22.14 -13.74
CA ASN A 141 0.81 -22.59 -13.75
C ASN A 141 -0.09 -21.39 -13.49
N PRO A 142 -0.95 -21.02 -14.44
CA PRO A 142 -1.81 -19.85 -14.22
C PRO A 142 -2.87 -20.06 -13.16
N PHE A 143 -3.47 -21.25 -13.08
CA PHE A 143 -4.43 -21.53 -12.04
C PHE A 143 -3.76 -21.65 -10.67
N GLY A 144 -2.53 -22.13 -10.62
CA GLY A 144 -1.79 -22.13 -9.37
C GLY A 144 -1.42 -20.74 -8.92
N ALA A 145 -1.12 -19.84 -9.86
CA ALA A 145 -0.91 -18.44 -9.53
C ALA A 145 -2.20 -17.77 -9.09
N LEU A 146 -3.34 -18.20 -9.64
CA LEU A 146 -4.61 -17.64 -9.20
C LEU A 146 -5.01 -18.16 -7.83
N ALA A 147 -4.59 -19.38 -7.48
CA ALA A 147 -4.99 -19.95 -6.21
C ALA A 147 -4.03 -19.64 -5.07
N ASN A 148 -2.77 -19.34 -5.39
CA ASN A 148 -1.74 -19.17 -4.36
C ASN A 148 -1.42 -17.71 -4.08
N GLY A 149 -2.41 -16.82 -4.10
CA GLY A 149 -2.13 -15.41 -3.94
C GLY A 149 -1.56 -14.87 -5.24
N GLN A 150 -0.32 -14.37 -5.21
CA GLN A 150 0.53 -14.15 -6.39
C GLN A 150 -0.11 -13.20 -7.41
N VAL A 151 -0.24 -11.94 -7.00
CA VAL A 151 -0.84 -10.93 -7.85
C VAL A 151 0.05 -10.64 -9.06
N LEU A 152 1.36 -10.68 -8.86
CA LEU A 152 2.29 -10.30 -9.92
C LEU A 152 2.40 -11.31 -11.08
N PRO A 153 2.34 -12.63 -10.87
CA PRO A 153 2.16 -13.50 -12.04
C PRO A 153 0.79 -13.40 -12.67
N THR A 154 -0.24 -13.08 -11.87
CA THR A 154 -1.59 -12.95 -12.40
C THR A 154 -1.71 -11.75 -13.32
N ILE A 155 -0.95 -10.69 -13.04
CA ILE A 155 -0.89 -9.52 -13.93
C ILE A 155 -0.35 -9.93 -15.30
N PHE A 156 0.75 -10.69 -15.31
CA PHE A 156 1.38 -11.13 -16.55
C PHE A 156 0.46 -12.04 -17.36
N PHE A 157 -0.16 -13.02 -16.69
CA PHE A 157 -1.03 -13.94 -17.41
C PHE A 157 -2.31 -13.25 -17.90
N ALA A 158 -2.82 -12.28 -17.14
CA ALA A 158 -4.03 -11.59 -17.56
C ALA A 158 -3.75 -10.67 -18.74
N ILE A 159 -2.58 -10.04 -18.77
CA ILE A 159 -2.19 -9.21 -19.92
C ILE A 159 -2.04 -10.07 -21.17
N ILE A 160 -1.38 -11.23 -21.03
CA ILE A 160 -1.18 -12.14 -22.15
C ILE A 160 -2.50 -12.68 -22.66
N LEU A 161 -3.40 -13.06 -21.75
CA LEU A 161 -4.69 -13.62 -22.15
C LEU A 161 -5.58 -12.57 -22.79
N GLY A 162 -5.55 -11.33 -22.31
CA GLY A 162 -6.36 -10.29 -22.92
C GLY A 162 -5.85 -9.88 -24.29
N ILE A 163 -4.53 -9.85 -24.47
CA ILE A 163 -3.96 -9.55 -25.78
C ILE A 163 -4.29 -10.67 -26.77
N ALA A 164 -4.24 -11.93 -26.31
CA ALA A 164 -4.63 -13.04 -27.16
C ALA A 164 -6.12 -13.01 -27.49
N ILE A 165 -6.97 -12.59 -26.56
CA ILE A 165 -8.40 -12.49 -26.82
C ILE A 165 -8.70 -11.40 -27.84
N THR A 166 -8.04 -10.24 -27.72
CA THR A 166 -8.29 -9.19 -28.70
C THR A 166 -7.60 -9.45 -30.04
N TYR A 167 -6.66 -10.40 -30.10
CA TYR A 167 -6.24 -10.91 -31.41
C TYR A 167 -7.25 -11.91 -31.97
N LEU A 168 -7.90 -12.68 -31.10
CA LEU A 168 -8.88 -13.65 -31.57
C LEU A 168 -10.17 -12.96 -32.04
N MET A 169 -10.49 -11.80 -31.49
CA MET A 169 -11.71 -11.10 -31.88
C MET A 169 -11.57 -10.37 -33.21
N ASN A 170 -10.36 -10.24 -33.74
CA ASN A 170 -10.13 -9.69 -35.07
C ASN A 170 -9.83 -10.77 -36.10
N SER A 171 -10.17 -12.01 -35.81
CA SER A 171 -9.91 -13.12 -36.71
C SER A 171 -10.90 -13.11 -37.87
N GLU A 172 -10.62 -13.95 -38.85
CA GLU A 172 -11.48 -14.09 -40.00
C GLU A 172 -12.56 -15.12 -39.70
N ASN A 173 -12.19 -16.16 -38.94
CA ASN A 173 -13.15 -17.19 -38.59
C ASN A 173 -14.24 -16.61 -37.70
N GLU A 174 -15.44 -17.20 -37.80
CA GLU A 174 -16.59 -16.69 -37.06
C GLU A 174 -16.77 -17.40 -35.72
N LYS A 175 -16.48 -18.71 -35.68
CA LYS A 175 -16.61 -19.47 -34.44
C LYS A 175 -15.59 -19.04 -33.40
N VAL A 176 -14.36 -18.75 -33.84
CA VAL A 176 -13.32 -18.30 -32.92
C VAL A 176 -13.64 -16.91 -32.38
N ARG A 177 -14.20 -16.05 -33.22
CA ARG A 177 -14.56 -14.70 -32.79
C ARG A 177 -15.73 -14.73 -31.81
N LYS A 178 -16.71 -15.60 -32.05
CA LYS A 178 -17.83 -15.73 -31.11
C LYS A 178 -17.39 -16.34 -29.80
N SER A 179 -16.45 -17.30 -29.85
CA SER A 179 -15.93 -17.91 -28.62
C SER A 179 -15.13 -16.90 -27.80
N ALA A 180 -14.34 -16.06 -28.49
CA ALA A 180 -13.55 -15.06 -27.79
C ALA A 180 -14.44 -13.99 -27.17
N GLU A 181 -15.49 -13.56 -27.87
CA GLU A 181 -16.35 -12.54 -27.28
C GLU A 181 -17.23 -13.11 -26.18
N THR A 182 -17.56 -14.41 -26.22
CA THR A 182 -18.29 -15.02 -25.11
C THR A 182 -17.40 -15.15 -23.87
N LEU A 183 -16.13 -15.52 -24.07
CA LEU A 183 -15.20 -15.59 -22.94
C LEU A 183 -14.96 -14.20 -22.34
N LEU A 184 -14.85 -13.18 -23.19
CA LEU A 184 -14.67 -11.82 -22.69
C LEU A 184 -15.91 -11.30 -21.97
N ASP A 185 -17.11 -11.68 -22.45
CA ASP A 185 -18.34 -11.29 -21.78
C ASP A 185 -18.46 -11.94 -20.41
N ALA A 186 -18.07 -13.21 -20.28
CA ALA A 186 -18.12 -13.90 -19.00
C ALA A 186 -17.12 -13.30 -18.01
N ILE A 187 -15.91 -12.97 -18.49
CA ILE A 187 -14.90 -12.41 -17.62
C ILE A 187 -15.28 -10.99 -17.18
N ASN A 188 -15.91 -10.21 -18.09
CA ASN A 188 -16.39 -8.89 -17.72
C ASN A 188 -17.56 -8.96 -16.74
N GLY A 189 -18.40 -10.00 -16.85
CA GLY A 189 -19.46 -10.17 -15.87
C GLY A 189 -18.92 -10.51 -14.49
N LEU A 190 -17.86 -11.31 -14.44
CA LEU A 190 -17.19 -11.59 -13.16
C LEU A 190 -16.59 -10.32 -12.56
N ALA A 191 -15.99 -9.47 -13.41
CA ALA A 191 -15.41 -8.21 -12.94
C ALA A 191 -16.46 -7.27 -12.39
N GLU A 192 -17.59 -7.13 -13.09
CA GLU A 192 -18.67 -6.26 -12.61
C GLU A 192 -19.32 -6.79 -11.34
N ALA A 193 -19.41 -8.12 -11.21
CA ALA A 193 -19.91 -8.71 -9.97
C ALA A 193 -18.99 -8.39 -8.80
N MET A 194 -17.68 -8.47 -9.02
CA MET A 194 -16.74 -8.13 -7.95
C MET A 194 -16.80 -6.65 -7.58
N TYR A 195 -17.00 -5.78 -8.57
CA TYR A 195 -17.17 -4.36 -8.25
C TYR A 195 -18.48 -4.08 -7.52
N LYS A 196 -19.49 -4.93 -7.68
CA LYS A 196 -20.69 -4.80 -6.85
C LYS A 196 -20.45 -5.29 -5.41
N ILE A 197 -19.67 -6.38 -5.25
CA ILE A 197 -19.38 -6.85 -3.89
C ILE A 197 -18.45 -5.89 -3.14
N VAL A 198 -17.68 -5.06 -3.85
CA VAL A 198 -16.93 -4.00 -3.18
C VAL A 198 -17.87 -3.00 -2.51
N ASN A 199 -18.94 -2.61 -3.22
CA ASN A 199 -19.97 -1.76 -2.63
C ASN A 199 -20.72 -2.49 -1.52
N GLY A 200 -20.80 -3.81 -1.62
CA GLY A 200 -21.40 -4.58 -0.54
C GLY A 200 -20.59 -4.52 0.76
N VAL A 201 -19.28 -4.71 0.66
CA VAL A 201 -18.45 -4.73 1.87
C VAL A 201 -18.13 -3.32 2.38
N MET A 202 -18.30 -2.28 1.56
CA MET A 202 -18.05 -0.95 2.09
C MET A 202 -19.16 -0.44 3.00
N GLN A 203 -20.26 -1.19 3.17
CA GLN A 203 -21.24 -0.88 4.20
C GLN A 203 -20.91 -1.54 5.53
N TYR A 204 -20.22 -2.67 5.51
CA TYR A 204 -19.65 -3.23 6.72
C TYR A 204 -18.39 -2.48 7.15
N ALA A 205 -17.76 -1.77 6.21
CA ALA A 205 -16.52 -1.03 6.47
C ALA A 205 -16.46 -0.12 7.70
N PRO A 206 -17.52 0.58 8.17
CA PRO A 206 -17.35 1.37 9.42
C PRO A 206 -17.06 0.55 10.67
N ILE A 207 -17.67 -0.64 10.79
CA ILE A 207 -17.36 -1.53 11.91
C ILE A 207 -15.93 -2.03 11.81
N GLY A 208 -15.45 -2.27 10.60
CA GLY A 208 -14.07 -2.68 10.43
C GLY A 208 -13.06 -1.59 10.72
N VAL A 209 -13.38 -0.35 10.33
CA VAL A 209 -12.53 0.80 10.67
C VAL A 209 -12.45 0.98 12.18
N PHE A 210 -13.61 0.93 12.85
CA PHE A 210 -13.65 1.07 14.31
C PHE A 210 -12.85 -0.04 14.99
N ALA A 211 -13.09 -1.28 14.61
CA ALA A 211 -12.45 -2.42 15.26
C ALA A 211 -10.97 -2.54 14.91
N LEU A 212 -10.52 -1.97 13.80
CA LEU A 212 -9.10 -2.03 13.47
C LEU A 212 -8.32 -0.91 14.15
N ILE A 213 -8.80 0.33 14.04
CA ILE A 213 -8.05 1.42 14.63
C ILE A 213 -8.17 1.42 16.15
N ALA A 214 -9.23 0.81 16.72
CA ALA A 214 -9.31 0.68 18.16
C ALA A 214 -8.27 -0.30 18.68
N TYR A 215 -8.07 -1.40 17.96
CA TYR A 215 -7.05 -2.37 18.36
C TYR A 215 -5.65 -1.80 18.19
N VAL A 216 -5.42 -1.03 17.13
CA VAL A 216 -4.10 -0.46 16.89
C VAL A 216 -3.76 0.58 17.96
N MET A 217 -4.72 1.48 18.27
CA MET A 217 -4.48 2.45 19.33
C MET A 217 -4.38 1.81 20.70
N ALA A 218 -5.13 0.72 20.95
CA ALA A 218 -5.08 0.05 22.24
C ALA A 218 -3.76 -0.65 22.47
N GLU A 219 -3.22 -1.32 21.45
CA GLU A 219 -1.93 -1.98 21.66
C GLU A 219 -0.77 -0.98 21.64
N GLN A 220 -0.67 -0.15 20.60
CA GLN A 220 0.54 0.60 20.38
C GLN A 220 0.39 2.11 20.48
N GLY A 221 -0.80 2.62 20.79
CA GLY A 221 -0.95 4.07 20.89
C GLY A 221 -0.38 4.67 22.15
N VAL A 222 -0.18 3.86 23.19
CA VAL A 222 0.37 4.36 24.44
C VAL A 222 1.89 4.27 24.47
N HIS A 223 2.51 3.57 23.53
CA HIS A 223 3.96 3.48 23.44
C HIS A 223 4.57 4.64 22.66
N VAL A 224 3.75 5.58 22.18
CA VAL A 224 4.28 6.73 21.45
C VAL A 224 4.60 7.79 22.50
N VAL A 225 5.77 7.63 23.11
CA VAL A 225 6.26 8.53 24.15
C VAL A 225 7.74 8.80 23.92
N GLY A 226 8.19 9.98 24.32
CA GLY A 226 9.60 10.29 24.26
C GLY A 226 10.05 10.56 22.83
N GLU A 227 11.18 9.96 22.46
CA GLU A 227 11.70 10.10 21.10
C GLU A 227 10.93 9.27 20.09
N LEU A 228 10.11 8.32 20.55
CA LEU A 228 9.18 7.65 19.65
C LEU A 228 8.11 8.62 19.16
N ALA A 229 7.72 9.60 19.98
CA ALA A 229 6.85 10.66 19.50
C ALA A 229 7.55 11.54 18.47
N LYS A 230 8.86 11.74 18.62
CA LYS A 230 9.61 12.52 17.63
C LYS A 230 9.72 11.78 16.32
N VAL A 231 9.95 10.46 16.35
CA VAL A 231 10.05 9.73 15.09
C VAL A 231 8.68 9.53 14.47
N THR A 232 7.61 9.49 15.28
CA THR A 232 6.26 9.43 14.73
C THR A 232 5.87 10.75 14.08
N ALA A 233 6.25 11.88 14.69
CA ALA A 233 6.00 13.17 14.07
C ALA A 233 6.85 13.35 12.82
N ALA A 234 8.10 12.88 12.83
CA ALA A 234 8.96 13.01 11.66
C ALA A 234 8.51 12.10 10.54
N VAL A 235 7.81 11.00 10.84
CA VAL A 235 7.24 10.19 9.79
C VAL A 235 5.96 10.82 9.25
N TYR A 236 5.06 11.25 10.14
CA TYR A 236 3.74 11.69 9.68
C TYR A 236 3.78 13.06 9.03
N VAL A 237 4.64 13.97 9.51
CA VAL A 237 4.84 15.24 8.81
C VAL A 237 5.47 15.00 7.44
N GLY A 238 6.39 14.03 7.35
CA GLY A 238 6.97 13.68 6.07
C GLY A 238 5.98 13.08 5.11
N LEU A 239 5.01 12.31 5.62
CA LEU A 239 3.97 11.75 4.76
C LEU A 239 2.99 12.83 4.31
N THR A 240 2.69 13.79 5.21
CA THR A 240 1.85 14.92 4.83
C THR A 240 2.52 15.77 3.76
N LEU A 241 3.83 16.00 3.88
CA LEU A 241 4.54 16.72 2.84
C LEU A 241 4.69 15.88 1.56
N GLN A 242 4.79 14.56 1.68
CA GLN A 242 4.84 13.69 0.51
C GLN A 242 3.53 13.74 -0.26
N ILE A 243 2.41 13.93 0.43
CA ILE A 243 1.17 14.19 -0.29
C ILE A 243 1.18 15.60 -0.88
N LEU A 244 1.35 16.63 -0.05
CA LEU A 244 1.04 18.00 -0.45
C LEU A 244 2.06 18.58 -1.42
N LEU A 245 3.34 18.28 -1.25
CA LEU A 245 4.38 18.86 -2.10
C LEU A 245 4.74 18.01 -3.31
N VAL A 246 4.24 16.78 -3.39
CA VAL A 246 4.54 15.93 -4.54
C VAL A 246 3.26 15.66 -5.32
N TYR A 247 2.27 15.05 -4.67
CA TYR A 247 1.11 14.57 -5.40
C TYR A 247 0.22 15.73 -5.83
N PHE A 248 0.07 16.74 -4.97
CA PHE A 248 -0.77 17.88 -5.33
C PHE A 248 -0.13 18.71 -6.43
N VAL A 249 1.19 18.84 -6.40
CA VAL A 249 1.90 19.57 -7.45
C VAL A 249 1.84 18.80 -8.77
N LEU A 250 2.01 17.49 -8.72
CA LEU A 250 1.97 16.69 -9.95
C LEU A 250 0.57 16.57 -10.50
N LEU A 251 -0.45 16.67 -9.64
CA LEU A 251 -1.82 16.74 -10.14
C LEU A 251 -2.14 18.11 -10.71
N LYS A 252 -1.58 19.18 -10.13
CA LYS A 252 -1.85 20.52 -10.61
C LYS A 252 -1.19 20.78 -11.96
N ILE A 253 0.05 20.33 -12.15
CA ILE A 253 0.74 20.59 -13.41
C ILE A 253 0.27 19.68 -14.54
N TYR A 254 -0.60 18.71 -14.26
CA TYR A 254 -1.20 17.88 -15.30
C TYR A 254 -2.69 18.16 -15.46
N GLY A 255 -3.20 19.23 -14.87
CA GLY A 255 -4.56 19.67 -15.12
C GLY A 255 -5.64 18.98 -14.32
N ILE A 256 -5.29 18.29 -13.24
CA ILE A 256 -6.26 17.60 -12.41
C ILE A 256 -6.43 18.38 -11.11
N ASP A 257 -7.69 18.59 -10.71
CA ASP A 257 -7.96 19.28 -9.46
C ASP A 257 -7.65 18.36 -8.29
N PRO A 258 -6.72 18.74 -7.40
CA PRO A 258 -6.35 17.82 -6.31
C PRO A 258 -7.43 17.66 -5.25
N ILE A 259 -8.25 18.68 -5.02
CA ILE A 259 -9.31 18.57 -4.02
C ILE A 259 -10.40 17.62 -4.51
N SER A 260 -10.73 17.68 -5.79
CA SER A 260 -11.65 16.70 -6.37
C SER A 260 -11.03 15.31 -6.40
N PHE A 261 -9.71 15.21 -6.53
CA PHE A 261 -9.01 13.93 -6.47
C PHE A 261 -9.14 13.31 -5.08
N ILE A 262 -8.95 14.12 -4.04
CA ILE A 262 -9.10 13.61 -2.66
C ILE A 262 -10.56 13.27 -2.38
N LYS A 263 -11.50 14.05 -2.95
CA LYS A 263 -12.92 13.74 -2.80
C LYS A 263 -13.29 12.43 -3.50
N HIS A 264 -12.57 12.06 -4.55
CA HIS A 264 -12.82 10.77 -5.18
C HIS A 264 -12.11 9.63 -4.45
N ALA A 265 -10.92 9.89 -3.90
CA ALA A 265 -10.06 8.85 -3.36
C ALA A 265 -10.11 8.72 -1.85
N LYS A 266 -11.05 9.40 -1.19
CA LYS A 266 -11.18 9.28 0.26
C LYS A 266 -11.55 7.86 0.69
N ASP A 267 -12.35 7.17 -0.12
CA ASP A 267 -12.77 5.82 0.22
C ASP A 267 -11.62 4.82 0.15
N ALA A 268 -10.60 5.11 -0.66
CA ALA A 268 -9.41 4.27 -0.71
C ALA A 268 -8.40 4.66 0.36
N MET A 269 -8.25 5.96 0.61
CA MET A 269 -7.27 6.43 1.59
C MET A 269 -7.67 6.05 3.01
N LEU A 270 -8.94 6.24 3.37
CA LEU A 270 -9.39 5.91 4.72
C LEU A 270 -9.47 4.40 4.94
N THR A 271 -9.56 3.61 3.88
CA THR A 271 -9.52 2.16 4.02
C THR A 271 -8.09 1.67 4.17
N ALA A 272 -7.16 2.22 3.38
CA ALA A 272 -5.75 1.87 3.52
C ALA A 272 -5.14 2.37 4.81
N PHE A 273 -5.72 3.40 5.43
CA PHE A 273 -5.22 3.87 6.72
C PHE A 273 -5.41 2.82 7.81
N VAL A 274 -6.55 2.13 7.81
CA VAL A 274 -6.87 1.23 8.92
C VAL A 274 -6.56 -0.21 8.60
N THR A 275 -6.68 -0.61 7.33
CA THR A 275 -6.38 -2.00 6.99
C THR A 275 -4.89 -2.28 6.94
N ARG A 276 -4.08 -1.23 6.71
CA ARG A 276 -2.61 -1.30 6.65
C ARG A 276 -2.12 -2.27 5.59
N SER A 277 -2.91 -2.49 4.55
CA SER A 277 -2.61 -3.48 3.51
C SER A 277 -2.84 -2.83 2.15
N SER A 278 -1.76 -2.58 1.42
CA SER A 278 -1.88 -2.02 0.08
C SER A 278 -2.40 -3.04 -0.92
N SER A 279 -2.34 -4.33 -0.59
CA SER A 279 -2.89 -5.37 -1.45
C SER A 279 -4.30 -5.79 -1.05
N GLY A 280 -4.77 -5.36 0.11
CA GLY A 280 -6.13 -5.64 0.51
C GLY A 280 -7.06 -4.49 0.19
N THR A 281 -6.49 -3.30 0.07
CA THR A 281 -7.20 -2.09 -0.35
C THR A 281 -7.33 -2.02 -1.87
N LEU A 282 -6.72 -2.97 -2.58
CA LEU A 282 -6.75 -2.98 -4.04
C LEU A 282 -8.14 -3.04 -4.68
N PRO A 283 -9.14 -3.79 -4.18
CA PRO A 283 -10.48 -3.65 -4.78
C PRO A 283 -11.10 -2.29 -4.58
N VAL A 284 -10.90 -1.66 -3.41
CA VAL A 284 -11.45 -0.33 -3.16
C VAL A 284 -10.72 0.71 -4.02
N THR A 285 -9.41 0.53 -4.22
CA THR A 285 -8.65 1.42 -5.08
C THR A 285 -9.08 1.31 -6.53
N MET A 286 -9.32 0.09 -7.01
CA MET A 286 -9.80 -0.08 -8.38
C MET A 286 -11.23 0.43 -8.55
N ARG A 287 -12.06 0.33 -7.51
CA ARG A 287 -13.39 0.92 -7.56
C ARG A 287 -13.32 2.45 -7.61
N VAL A 288 -12.38 3.04 -6.86
CA VAL A 288 -12.21 4.49 -6.86
C VAL A 288 -11.75 4.97 -8.22
N ALA A 289 -10.78 4.28 -8.82
CA ALA A 289 -10.33 4.65 -10.17
C ALA A 289 -11.38 4.35 -11.23
N LYS A 290 -12.28 3.41 -10.99
CA LYS A 290 -13.39 3.17 -11.91
C LYS A 290 -14.42 4.30 -11.82
N GLU A 291 -14.64 4.84 -10.62
CA GLU A 291 -15.67 5.86 -10.44
C GLU A 291 -15.26 7.20 -11.04
N MET A 292 -13.98 7.53 -11.06
CA MET A 292 -13.53 8.84 -11.51
C MET A 292 -13.22 8.88 -13.00
N GLY A 293 -13.80 7.97 -13.78
CA GLY A 293 -13.77 8.09 -15.23
C GLY A 293 -12.51 7.60 -15.91
N ILE A 294 -11.56 7.03 -15.18
CA ILE A 294 -10.36 6.48 -15.79
C ILE A 294 -10.72 5.22 -16.56
N SER A 295 -10.24 5.11 -17.79
CA SER A 295 -10.52 3.94 -18.61
C SER A 295 -9.82 2.71 -18.05
N GLU A 296 -10.35 1.54 -18.41
CA GLU A 296 -9.97 0.30 -17.76
C GLU A 296 -8.56 -0.14 -18.11
N GLY A 297 -8.10 0.18 -19.32
CA GLY A 297 -6.77 -0.21 -19.74
C GLY A 297 -5.66 0.46 -18.97
N ILE A 298 -5.93 1.65 -18.44
CA ILE A 298 -4.94 2.33 -17.60
C ILE A 298 -4.95 1.74 -16.19
N TYR A 299 -6.09 1.84 -15.49
CA TYR A 299 -6.10 1.56 -14.06
C TYR A 299 -5.98 0.07 -13.76
N SER A 300 -6.55 -0.80 -14.60
CA SER A 300 -6.51 -2.23 -14.34
C SER A 300 -5.10 -2.81 -14.46
N PHE A 301 -4.18 -2.09 -15.10
CA PHE A 301 -2.79 -2.49 -15.12
C PHE A 301 -1.96 -1.71 -14.11
N THR A 302 -2.22 -0.41 -13.94
CA THR A 302 -1.36 0.40 -13.09
C THR A 302 -1.62 0.22 -11.59
N LEU A 303 -2.84 -0.16 -11.20
CA LEU A 303 -3.11 -0.31 -9.78
C LEU A 303 -2.63 -1.64 -9.16
N PRO A 304 -2.84 -2.83 -9.76
CA PRO A 304 -2.23 -4.03 -9.16
C PRO A 304 -0.72 -4.05 -9.30
N LEU A 305 -0.16 -3.34 -10.28
CA LEU A 305 1.28 -3.14 -10.32
C LEU A 305 1.73 -2.23 -9.18
N GLY A 306 1.01 -1.14 -8.96
CA GLY A 306 1.38 -0.18 -7.94
C GLY A 306 1.12 -0.63 -6.53
N ALA A 307 0.34 -1.70 -6.34
CA ALA A 307 0.10 -2.21 -4.99
C ALA A 307 1.37 -2.79 -4.37
N THR A 308 2.29 -3.29 -5.18
CA THR A 308 3.55 -3.84 -4.69
C THR A 308 4.76 -3.00 -5.05
N ILE A 309 4.78 -2.38 -6.22
CA ILE A 309 5.98 -1.69 -6.69
C ILE A 309 6.06 -0.29 -6.10
N ASN A 310 4.99 0.48 -6.19
CA ASN A 310 5.01 1.88 -5.78
C ASN A 310 4.63 1.96 -4.30
N MET A 311 5.64 2.10 -3.45
CA MET A 311 5.45 2.26 -2.01
C MET A 311 6.25 3.48 -1.57
N ASP A 312 5.63 4.65 -1.66
CA ASP A 312 6.30 5.89 -1.29
C ASP A 312 6.36 6.06 0.22
N GLY A 313 5.31 5.63 0.92
CA GLY A 313 5.29 5.75 2.37
C GLY A 313 6.25 4.80 3.05
N THR A 314 6.36 3.57 2.52
CA THR A 314 7.36 2.63 3.02
C THR A 314 8.77 3.13 2.76
N ALA A 315 8.96 3.80 1.63
CA ALA A 315 10.26 4.39 1.30
C ALA A 315 10.60 5.53 2.25
N LEU A 316 9.63 6.38 2.58
CA LEU A 316 9.88 7.48 3.51
C LEU A 316 10.10 6.97 4.93
N TYR A 317 9.38 5.90 5.30
CA TYR A 317 9.56 5.29 6.61
C TYR A 317 10.95 4.67 6.76
N GLN A 318 11.42 3.97 5.72
CA GLN A 318 12.76 3.42 5.75
C GLN A 318 13.83 4.49 5.62
N GLY A 319 13.49 5.65 5.06
CA GLY A 319 14.43 6.77 5.08
C GLY A 319 14.56 7.40 6.45
N VAL A 320 13.45 7.47 7.18
CA VAL A 320 13.46 8.13 8.49
C VAL A 320 14.07 7.22 9.55
N CYS A 321 13.65 5.95 9.60
CA CYS A 321 14.10 5.06 10.67
C CYS A 321 15.57 4.67 10.53
N THR A 322 16.15 4.75 9.33
CA THR A 322 17.59 4.52 9.19
C THR A 322 18.37 5.65 9.85
N PHE A 323 17.92 6.90 9.68
CA PHE A 323 18.51 8.02 10.41
C PHE A 323 18.26 7.91 11.90
N PHE A 324 17.10 7.38 12.31
CA PHE A 324 16.83 7.19 13.73
C PHE A 324 17.81 6.20 14.36
N ILE A 325 18.04 5.07 13.69
CA ILE A 325 18.95 4.06 14.21
C ILE A 325 20.39 4.56 14.19
N ALA A 326 20.77 5.28 13.13
CA ALA A 326 22.13 5.81 13.07
C ALA A 326 22.35 7.01 13.98
N ASN A 327 21.28 7.64 14.47
CA ASN A 327 21.44 8.65 15.52
C ASN A 327 21.46 8.01 16.90
N ALA A 328 20.70 6.94 17.10
CA ALA A 328 20.77 6.20 18.36
C ALA A 328 22.10 5.50 18.54
N LEU A 329 22.78 5.17 17.44
CA LEU A 329 24.10 4.56 17.50
C LEU A 329 25.23 5.58 17.51
N GLY A 330 24.96 6.83 17.13
CA GLY A 330 25.98 7.86 17.14
C GLY A 330 26.80 7.95 15.88
N SER A 331 26.31 7.40 14.76
CA SER A 331 27.07 7.44 13.52
C SER A 331 26.93 8.80 12.84
N HIS A 332 27.97 9.15 12.08
CA HIS A 332 27.94 10.42 11.35
C HIS A 332 27.05 10.32 10.12
N LEU A 333 27.17 9.23 9.37
CA LEU A 333 26.32 8.85 8.24
C LEU A 333 26.35 9.92 7.13
N THR A 334 27.53 9.99 6.50
CA THR A 334 27.85 11.01 5.51
C THR A 334 26.95 10.92 4.27
N VAL A 335 27.11 11.90 3.37
CA VAL A 335 26.24 12.00 2.20
C VAL A 335 26.49 10.89 1.18
N GLY A 336 27.67 10.28 1.20
CA GLY A 336 27.89 9.08 0.40
C GLY A 336 27.13 7.88 0.92
N GLN A 337 26.78 7.89 2.20
CA GLN A 337 25.88 6.88 2.76
C GLN A 337 24.42 7.26 2.59
N GLN A 338 24.10 8.56 2.57
CA GLN A 338 22.71 8.97 2.34
C GLN A 338 22.29 8.75 0.90
N LEU A 339 23.22 8.83 -0.05
CA LEU A 339 22.86 8.47 -1.44
C LEU A 339 22.64 6.97 -1.56
N THR A 340 23.36 6.16 -0.78
CA THR A 340 23.08 4.72 -0.79
C THR A 340 21.78 4.42 -0.05
N ILE A 341 21.41 5.25 0.92
CA ILE A 341 20.08 5.17 1.55
C ILE A 341 19.00 5.42 0.51
N VAL A 342 19.19 6.44 -0.32
CA VAL A 342 18.22 6.77 -1.37
C VAL A 342 18.15 5.65 -2.40
N LEU A 343 19.28 5.04 -2.73
CA LEU A 343 19.29 3.98 -3.72
C LEU A 343 18.71 2.68 -3.16
N THR A 344 18.95 2.39 -1.89
CA THR A 344 18.57 1.11 -1.31
C THR A 344 17.15 1.11 -0.77
N ALA A 345 16.64 2.25 -0.28
CA ALA A 345 15.27 2.28 0.22
C ALA A 345 14.26 2.22 -0.92
N VAL A 346 14.65 2.65 -2.13
CA VAL A 346 13.80 2.48 -3.29
C VAL A 346 13.63 1.00 -3.63
N LEU A 347 14.73 0.25 -3.63
CA LEU A 347 14.66 -1.18 -3.87
C LEU A 347 13.97 -1.92 -2.73
N ALA A 348 14.12 -1.44 -1.50
CA ALA A 348 13.46 -2.06 -0.37
C ALA A 348 11.95 -1.80 -0.39
N SER A 349 11.53 -0.64 -0.89
CA SER A 349 10.11 -0.35 -1.02
C SER A 349 9.50 -1.08 -2.21
N ILE A 350 10.28 -1.29 -3.28
CA ILE A 350 9.82 -2.13 -4.38
C ILE A 350 9.66 -3.56 -3.91
N GLY A 351 10.63 -4.07 -3.15
CA GLY A 351 10.58 -5.44 -2.67
C GLY A 351 9.63 -5.68 -1.51
N THR A 352 9.15 -4.63 -0.86
CA THR A 352 8.25 -4.79 0.28
C THR A 352 6.90 -5.29 -0.20
N ALA A 353 6.40 -6.35 0.44
CA ALA A 353 5.08 -6.87 0.12
C ALA A 353 4.00 -5.97 0.73
N GLY A 354 2.78 -6.14 0.22
CA GLY A 354 1.68 -5.31 0.64
C GLY A 354 0.98 -5.72 1.91
N VAL A 355 1.52 -6.67 2.66
CA VAL A 355 0.91 -7.11 3.91
C VAL A 355 1.28 -6.09 5.00
N PRO A 356 0.53 -6.00 6.10
CA PRO A 356 0.92 -5.08 7.17
C PRO A 356 2.15 -5.57 7.91
N GLY A 357 3.10 -4.66 8.12
CA GLY A 357 4.30 -4.95 8.88
C GLY A 357 5.51 -5.36 8.07
N ALA A 358 5.42 -5.33 6.74
CA ALA A 358 6.53 -5.79 5.91
C ALA A 358 7.61 -4.74 5.74
N GLY A 359 7.30 -3.47 6.00
CA GLY A 359 8.30 -2.43 5.84
C GLY A 359 9.36 -2.49 6.93
N ALA A 360 8.95 -2.86 8.15
CA ALA A 360 9.93 -3.06 9.22
C ALA A 360 10.82 -4.27 8.95
N ILE A 361 10.28 -5.28 8.27
CA ILE A 361 11.08 -6.45 7.92
C ILE A 361 12.08 -6.10 6.82
N MET A 362 11.63 -5.35 5.82
CA MET A 362 12.51 -4.95 4.72
C MET A 362 13.42 -3.78 5.08
N LEU A 363 13.26 -3.19 6.26
CA LEU A 363 14.19 -2.17 6.75
C LEU A 363 15.60 -2.73 6.99
N ALA A 364 15.72 -4.05 7.17
CA ALA A 364 17.03 -4.66 7.44
C ALA A 364 17.98 -4.52 6.24
N MET A 365 17.44 -4.45 5.03
CA MET A 365 18.27 -4.30 3.84
C MET A 365 18.91 -2.92 3.77
N VAL A 366 18.13 -1.87 4.01
CA VAL A 366 18.68 -0.52 4.01
C VAL A 366 19.49 -0.26 5.28
N LEU A 367 19.29 -1.05 6.33
CA LEU A 367 20.21 -0.99 7.47
C LEU A 367 21.56 -1.59 7.10
N HIS A 368 21.54 -2.77 6.47
CA HIS A 368 22.77 -3.47 6.09
C HIS A 368 23.54 -2.75 5.00
N SER A 369 22.88 -1.90 4.21
CA SER A 369 23.55 -1.23 3.11
C SER A 369 24.56 -0.19 3.58
N VAL A 370 24.30 0.47 4.71
CA VAL A 370 25.15 1.59 5.08
C VAL A 370 26.24 1.20 6.05
N GLY A 371 26.15 0.02 6.65
CA GLY A 371 27.17 -0.41 7.59
C GLY A 371 26.64 -0.48 9.00
N LEU A 372 25.32 -0.57 9.13
CA LEU A 372 24.64 -0.82 10.40
C LEU A 372 24.03 -2.21 10.29
N PRO A 373 24.80 -3.26 10.61
CA PRO A 373 24.25 -4.62 10.57
C PRO A 373 23.19 -4.83 11.62
N LEU A 374 22.33 -5.81 11.44
CA LEU A 374 21.26 -6.02 12.41
C LEU A 374 21.70 -7.09 13.41
N THR A 375 22.86 -7.69 13.16
CA THR A 375 23.35 -8.78 13.99
C THR A 375 23.92 -8.32 15.33
N ASP A 376 24.40 -7.08 15.43
CA ASP A 376 24.94 -6.65 16.70
C ASP A 376 23.81 -6.19 17.62
N PRO A 377 23.98 -6.31 18.96
CA PRO A 377 22.85 -6.01 19.85
C PRO A 377 22.49 -4.54 19.93
N ASN A 378 23.44 -3.64 19.71
CA ASN A 378 23.18 -2.22 19.90
C ASN A 378 22.27 -1.65 18.81
N VAL A 379 22.26 -2.28 17.63
CA VAL A 379 21.37 -1.84 16.56
C VAL A 379 20.01 -2.50 16.69
N ALA A 380 19.98 -3.79 17.07
CA ALA A 380 18.72 -4.50 17.25
C ALA A 380 17.91 -3.96 18.43
N ALA A 381 18.59 -3.41 19.43
CA ALA A 381 17.89 -2.76 20.53
C ALA A 381 17.13 -1.53 20.07
N ALA A 382 17.77 -0.70 19.23
CA ALA A 382 17.10 0.48 18.69
C ALA A 382 16.08 0.12 17.63
N TYR A 383 16.23 -1.01 16.97
CA TYR A 383 15.27 -1.48 15.97
C TYR A 383 14.01 -2.06 16.60
N ALA A 384 14.13 -2.62 17.81
CA ALA A 384 12.94 -3.04 18.56
C ALA A 384 12.08 -1.85 18.97
N MET A 385 12.68 -0.69 19.18
CA MET A 385 11.90 0.50 19.50
C MET A 385 11.06 0.96 18.31
N ILE A 386 11.55 0.76 17.09
CA ILE A 386 10.74 1.03 15.90
C ILE A 386 9.65 -0.03 15.74
N LEU A 387 9.98 -1.29 16.03
CA LEU A 387 8.96 -2.35 16.00
C LEU A 387 7.91 -2.19 17.09
N GLY A 388 8.17 -1.38 18.10
CA GLY A 388 7.14 -1.07 19.08
C GLY A 388 5.99 -0.26 18.52
N ILE A 389 6.25 0.65 17.59
CA ILE A 389 5.23 1.52 17.03
C ILE A 389 5.13 1.37 15.50
N ASP A 390 5.57 0.20 15.01
CA ASP A 390 5.46 -0.14 13.59
C ASP A 390 4.04 -0.03 13.05
N ALA A 391 3.03 -0.37 13.86
CA ALA A 391 1.65 -0.28 13.38
C ALA A 391 1.19 1.17 13.25
N ILE A 392 1.61 2.03 14.19
CA ILE A 392 1.27 3.44 14.16
C ILE A 392 1.90 4.10 12.94
N LEU A 393 3.13 3.72 12.60
CA LEU A 393 3.73 4.27 11.39
C LEU A 393 3.14 3.64 10.13
N ASP A 394 2.72 2.38 10.22
CA ASP A 394 2.19 1.65 9.07
C ASP A 394 0.85 2.18 8.64
N MET A 395 0.05 2.67 9.59
CA MET A 395 -1.26 3.24 9.27
C MET A 395 -1.15 4.42 8.31
N GLY A 396 -0.16 5.28 8.49
CA GLY A 396 0.00 6.41 7.59
C GLY A 396 0.73 6.04 6.32
N ARG A 397 1.75 5.18 6.44
CA ARG A 397 2.54 4.87 5.26
C ARG A 397 1.76 4.02 4.25
N THR A 398 0.76 3.25 4.69
CA THR A 398 -0.06 2.50 3.74
C THR A 398 -0.99 3.43 2.97
N MET A 399 -1.54 4.44 3.64
CA MET A 399 -2.39 5.43 2.98
C MET A 399 -1.60 6.20 1.92
N VAL A 400 -0.35 6.55 2.23
CA VAL A 400 0.46 7.22 1.21
C VAL A 400 0.85 6.26 0.09
N ASN A 401 1.04 4.97 0.41
CA ASN A 401 1.33 3.96 -0.60
C ASN A 401 0.18 3.81 -1.61
N VAL A 402 -1.05 3.93 -1.14
CA VAL A 402 -2.19 3.79 -2.05
C VAL A 402 -2.46 5.09 -2.82
N THR A 403 -2.27 6.24 -2.14
CA THR A 403 -2.45 7.53 -2.79
C THR A 403 -1.43 7.75 -3.91
N GLY A 404 -0.23 7.19 -3.78
CA GLY A 404 0.73 7.25 -4.87
C GLY A 404 0.29 6.51 -6.11
N ASP A 405 -0.29 5.31 -5.93
CA ASP A 405 -0.82 4.55 -7.06
C ASP A 405 -1.96 5.29 -7.74
N LEU A 406 -2.86 5.87 -6.95
CA LEU A 406 -4.00 6.59 -7.53
C LEU A 406 -3.56 7.85 -8.26
N THR A 407 -2.57 8.55 -7.73
CA THR A 407 -2.06 9.75 -8.39
C THR A 407 -1.35 9.40 -9.70
N GLY A 408 -0.57 8.32 -9.70
CA GLY A 408 0.08 7.90 -10.94
C GLY A 408 -0.89 7.44 -12.00
N THR A 409 -1.95 6.73 -11.58
CA THR A 409 -2.98 6.30 -12.52
C THR A 409 -3.71 7.49 -13.12
N ALA A 410 -4.07 8.48 -12.30
CA ALA A 410 -4.76 9.66 -12.81
C ALA A 410 -3.88 10.49 -13.72
N ILE A 411 -2.58 10.59 -13.39
CA ILE A 411 -1.65 11.37 -14.21
C ILE A 411 -1.43 10.71 -15.57
N VAL A 412 -1.25 9.39 -15.59
CA VAL A 412 -1.04 8.68 -16.86
C VAL A 412 -2.31 8.65 -17.68
N ALA A 413 -3.49 8.57 -17.03
CA ALA A 413 -4.74 8.65 -17.77
C ALA A 413 -4.98 10.04 -18.35
N LYS A 414 -4.51 11.09 -17.67
CA LYS A 414 -4.57 12.42 -18.26
C LYS A 414 -3.52 12.61 -19.35
N THR A 415 -2.44 11.83 -19.32
CA THR A 415 -1.43 11.93 -20.37
C THR A 415 -1.94 11.40 -21.71
N GLU A 416 -2.68 10.29 -21.68
CA GLU A 416 -3.27 9.73 -22.89
C GLU A 416 -4.42 10.62 -23.39
N ASP B . 1.76 -2.12 5.03
CA ASP B . 2.45 -1.43 3.96
C ASP B . 1.60 -1.41 2.70
O ASP B . 1.07 -2.45 2.30
CB ASP B . 3.79 -2.09 3.67
CG ASP B . 4.78 -1.86 4.77
OD1 ASP B . 5.01 -2.79 5.57
OD2 ASP B . 5.32 -0.73 4.85
OXT ASP B . 1.45 -0.39 2.05
C09 6OU C . 14.16 -5.92 -10.33
C10 6OU C . 13.89 -4.53 -9.67
C11 6OU C . 14.36 -4.55 -8.18
C12 6OU C . 13.66 -5.73 -7.43
C13 6OU C . 13.57 -5.39 -5.90
C14 6OU C . 14.57 -6.28 -5.12
C15 6OU C . 14.31 -6.13 -3.59
C16 6OU C . 14.02 -7.54 -2.97
O17 6OU C . 14.93 -8.25 -2.68
O18 6OU C . 12.69 -7.97 -2.75
C19 6OU C . 12.18 -8.82 -3.76
C20 6OU C . 10.67 -9.02 -3.59
C21 6OU C . 10.36 -9.90 -2.37
O22 6OU C . 11.55 -10.46 -1.84
P23 6OU C . 11.42 -11.30 -0.40
O24 6OU C . 10.58 -10.52 0.58
O25 6OU C . 12.81 -11.50 0.18
O26 6OU C . 10.72 -12.77 -0.68
O30 6OU C . 10.14 -9.63 -4.75
C31 6OU C . 9.07 -8.91 -5.34
O32 6OU C . 8.14 -8.57 -4.67
C33 6OU C . 9.11 -8.56 -6.84
C34 6OU C . 8.92 -7.03 -7.04
C35 6OU C . 9.88 -6.55 -8.15
C36 6OU C . 9.40 -7.07 -9.56
C37 6OU C . 9.03 -5.85 -10.46
C38 6OU C . 10.30 -4.97 -10.70
C39 6OU C . 9.93 -3.68 -11.54
C40 6OU C . 10.81 -2.47 -11.05
C41 6OU C . 10.83 -1.30 -11.75
C04 6OU D . -29.09 -2.65 13.12
C05 6OU D . -27.64 -2.21 13.49
C06 6OU D . -26.89 -1.74 12.20
C07 6OU D . -26.77 -2.93 11.22
C08 6OU D . -25.28 -3.37 11.13
C09 6OU D . -25.05 -4.13 9.78
C10 6OU D . -23.51 -4.37 9.56
C11 6OU D . -23.16 -4.22 8.04
C12 6OU D . -24.13 -5.06 7.16
C13 6OU D . -23.48 -5.32 5.76
C14 6OU D . -24.60 -5.43 4.69
C15 6OU D . -24.05 -5.00 3.30
C16 6OU D . -25.24 -4.76 2.33
O17 6OU D . -26.25 -5.38 2.47
O18 6OU D . -25.13 -3.80 1.29
C19 6OU D . -25.96 -4.08 0.17
C20 6OU D . -25.17 -3.81 -1.12
C21 6OU D . -25.17 -2.30 -1.39
O22 6OU D . -25.12 -2.11 -2.80
P23 6OU D . -25.70 -0.68 -3.43
O24 6OU D . -24.92 0.48 -2.86
O25 6OU D . -27.17 -0.52 -3.07
O26 6OU D . -25.54 -0.74 -5.07
C27 6OU D . -24.87 -1.87 -5.61
C28 6OU D . -24.95 -1.82 -7.15
N29 6OU D . -24.60 -3.13 -7.70
O30 6OU D . -25.78 -4.46 -2.20
C31 6OU D . -24.97 -5.42 -2.84
O32 6OU D . -24.51 -5.19 -3.90
C33 6OU D . -24.71 -6.77 -2.15
C34 6OU D . -23.65 -7.56 -2.96
C35 6OU D . -22.52 -8.04 -2.00
C36 6OU D . -23.14 -8.80 -0.77
C37 6OU D . -22.44 -8.33 0.56
C38 6OU D . -21.00 -8.94 0.62
C39 6OU D . -20.54 -9.12 2.13
C40 6OU D . -21.01 -7.90 2.99
C41 6OU D . -21.21 -8.05 4.34
C42 6OU D . -20.99 -9.41 5.03
C43 6OU D . -20.73 -9.22 6.55
C44 6OU D . -21.11 -10.53 7.29
C45 6OU D . -20.09 -11.64 6.91
C46 6OU D . -20.19 -12.81 7.92
#